data_8RO5
#
_entry.id   8RO5
#
_cell.length_a   68.575
_cell.length_b   43.320
_cell.length_c   84.243
_cell.angle_alpha   90.000
_cell.angle_beta   108.500
_cell.angle_gamma   90.000
#
_symmetry.space_group_name_H-M   'P 1 21 1'
#
loop_
_entity.id
_entity.type
_entity.pdbx_description
1 polymer 'Chains: B'
2 polymer 'Chains: A'
3 water water
#
loop_
_entity_poly.entity_id
_entity_poly.type
_entity_poly.pdbx_seq_one_letter_code
_entity_poly.pdbx_strand_id
1 'polypeptide(L)'
;TLLEQNPRWRLVPRGQAVNLRCILKNSQYPWMSWYQQDLQKQLQWLFTLRSPGDKEVKSLPGADYLATRVTDTELRLQVA
NMSQGRTLYCTCSARHSAETLYFGSGTRLTVLDLRNVFPPEVAVFEPSEAEISHTQKATLVCLATGFYPDHVELSWWVNG
KEVHSGVCTDPQPLKEQPALNDSRYALSSRLRVSATFWQNPRNHFRCQVQFYGLSENDEWTQDRAKPVTQIVSAEAWGRA
D
;
B
2 'polypeptide(L)'
;DSVTQKEGLVTLTEGLPVMLNCTYQTIYSNAFLFWYVHYLNESPRLLLKSSTDNKRTEHQGFHATLHKSSSSFHLHKSSA
QLSDSALYYCALSEGGNYKYVFGAGTRLKVIAHIQNPDPAVYQLRDSKSSDKSVCLFTDFDSQTNVSQSKDSDVYITDKC
VLDMRSMDFKSNSAVAWSNKSDFACANAFNNSIIPEDTFFPSP
;
A
#
# COMPACT_ATOMS: atom_id res chain seq x y z
N THR A 1 -9.63 13.37 -14.61
CA THR A 1 -10.16 13.12 -13.27
C THR A 1 -11.63 13.59 -13.19
N LEU A 2 -12.51 12.69 -12.72
CA LEU A 2 -13.93 12.99 -12.69
C LEU A 2 -14.38 13.58 -11.36
N LEU A 3 -13.62 13.37 -10.30
CA LEU A 3 -14.00 13.74 -8.95
C LEU A 3 -12.84 14.44 -8.24
N GLU A 4 -13.17 15.44 -7.42
CA GLU A 4 -12.24 16.02 -6.46
C GLU A 4 -12.76 15.75 -5.06
N GLN A 5 -12.00 14.99 -4.28
CA GLN A 5 -12.41 14.60 -2.95
C GLN A 5 -11.46 15.22 -1.93
N ASN A 6 -12.02 15.81 -0.88
CA ASN A 6 -11.20 16.44 0.14
C ASN A 6 -11.85 16.30 1.51
N PRO A 7 -11.06 16.24 2.59
CA PRO A 7 -9.59 16.22 2.64
C PRO A 7 -9.07 14.85 2.28
N ARG A 8 -7.78 14.69 2.01
CA ARG A 8 -7.25 13.36 1.68
C ARG A 8 -6.93 12.54 2.91
N TRP A 9 -6.75 13.18 4.07
CA TRP A 9 -6.51 12.45 5.30
C TRP A 9 -6.94 13.34 6.46
N ARG A 10 -7.35 12.71 7.57
CA ARG A 10 -7.57 13.44 8.80
C ARG A 10 -7.38 12.51 9.97
N LEU A 11 -6.69 13.01 10.98
CA LEU A 11 -6.66 12.38 12.28
C LEU A 11 -7.81 12.94 13.09
N VAL A 12 -8.65 12.06 13.64
CA VAL A 12 -9.87 12.46 14.33
C VAL A 12 -9.81 11.91 15.76
N PRO A 13 -9.85 12.76 16.78
CA PRO A 13 -9.89 12.25 18.16
C PRO A 13 -11.20 11.56 18.43
N ARG A 14 -11.17 10.61 19.38
CA ARG A 14 -12.34 9.77 19.61
C ARG A 14 -13.56 10.61 19.93
N GLY A 15 -14.69 10.24 19.33
CA GLY A 15 -15.97 10.91 19.50
C GLY A 15 -16.14 12.20 18.71
N GLN A 16 -15.12 12.66 17.97
CA GLN A 16 -15.22 13.93 17.27
C GLN A 16 -15.61 13.68 15.83
N ALA A 17 -15.62 14.74 15.02
CA ALA A 17 -16.23 14.66 13.69
C ALA A 17 -15.35 15.31 12.63
N VAL A 18 -15.63 14.99 11.37
CA VAL A 18 -14.89 15.55 10.24
C VAL A 18 -15.83 15.66 9.04
N ASN A 19 -15.65 16.73 8.26
CA ASN A 19 -16.46 17.00 7.08
C ASN A 19 -15.67 16.62 5.84
N LEU A 20 -16.31 15.88 4.94
CA LEU A 20 -15.71 15.51 3.66
C LEU A 20 -16.53 16.14 2.54
N ARG A 21 -15.86 16.42 1.43
CA ARG A 21 -16.54 17.04 0.31
C ARG A 21 -16.07 16.38 -0.98
N CYS A 22 -17.00 16.16 -1.89
CA CYS A 22 -16.71 15.57 -3.20
C CYS A 22 -17.36 16.43 -4.26
N ILE A 23 -16.57 16.87 -5.23
CA ILE A 23 -17.03 17.71 -6.33
C ILE A 23 -16.97 16.90 -7.61
N LEU A 24 -18.10 16.81 -8.30
CA LEU A 24 -18.16 16.13 -9.59
C LEU A 24 -17.69 17.10 -10.68
N LYS A 25 -16.72 16.67 -11.47
CA LYS A 25 -16.11 17.53 -12.48
C LYS A 25 -16.66 17.28 -13.87
N ASN A 26 -17.64 16.37 -14.00
CA ASN A 26 -18.17 15.99 -15.32
C ASN A 26 -19.62 15.55 -15.12
N SER A 27 -20.55 16.38 -15.58
CA SER A 27 -21.97 16.19 -15.33
C SER A 27 -22.54 14.91 -15.93
N GLN A 28 -21.79 14.25 -16.81
CA GLN A 28 -22.26 13.00 -17.40
C GLN A 28 -22.23 11.83 -16.43
N TYR A 29 -21.71 12.02 -15.22
CA TYR A 29 -21.65 10.97 -14.20
C TYR A 29 -22.35 11.45 -12.93
N PRO A 30 -23.65 11.74 -13.00
CA PRO A 30 -24.33 12.41 -11.89
C PRO A 30 -24.68 11.52 -10.72
N TRP A 31 -24.48 10.21 -10.82
CA TRP A 31 -24.80 9.31 -9.73
C TRP A 31 -23.62 9.29 -8.78
N MET A 32 -23.74 10.02 -7.67
CA MET A 32 -22.67 10.20 -6.71
C MET A 32 -22.99 9.42 -5.44
N SER A 33 -21.98 8.71 -4.93
CA SER A 33 -22.17 7.83 -3.78
C SER A 33 -21.00 7.99 -2.83
N TRP A 34 -21.20 7.50 -1.60
CA TRP A 34 -20.12 7.30 -0.63
C TRP A 34 -19.99 5.81 -0.35
N TYR A 35 -18.75 5.32 -0.37
CA TYR A 35 -18.37 3.98 0.05
C TYR A 35 -17.37 4.08 1.18
N GLN A 36 -17.43 3.15 2.13
CA GLN A 36 -16.37 3.03 3.12
C GLN A 36 -15.56 1.77 2.86
N GLN A 37 -14.31 1.81 3.30
CA GLN A 37 -13.48 0.62 3.34
C GLN A 37 -12.96 0.48 4.76
N ASP A 38 -13.30 -0.63 5.41
CA ASP A 38 -12.91 -0.78 6.80
C ASP A 38 -11.46 -1.27 6.89
N LEU A 39 -10.98 -1.45 8.13
CA LEU A 39 -9.58 -1.82 8.30
C LEU A 39 -9.29 -3.26 7.87
N GLN A 40 -10.31 -4.08 7.65
CA GLN A 40 -10.19 -5.39 7.04
C GLN A 40 -10.23 -5.34 5.51
N LYS A 41 -10.32 -4.15 4.92
CA LYS A 41 -10.31 -3.88 3.48
C LYS A 41 -11.65 -4.22 2.82
N GLN A 42 -12.72 -4.40 3.59
CA GLN A 42 -14.05 -4.64 3.01
C GLN A 42 -14.66 -3.33 2.56
N LEU A 43 -15.01 -3.23 1.27
CA LEU A 43 -15.75 -2.09 0.73
C LEU A 43 -17.25 -2.27 0.98
N GLN A 44 -17.91 -1.18 1.40
CA GLN A 44 -19.34 -1.20 1.65
C GLN A 44 -19.98 0.11 1.23
N TRP A 45 -21.00 0.02 0.39
CA TRP A 45 -21.82 1.16 0.03
C TRP A 45 -22.50 1.79 1.26
N LEU A 46 -22.49 3.12 1.31
CA LEU A 46 -23.18 3.87 2.37
C LEU A 46 -24.40 4.60 1.87
N PHE A 47 -24.25 5.42 0.82
CA PHE A 47 -25.32 6.28 0.36
C PHE A 47 -25.16 6.50 -1.14
N THR A 48 -26.29 6.64 -1.81
CA THR A 48 -26.36 7.21 -3.15
C THR A 48 -27.44 8.27 -3.08
N LEU A 49 -27.06 9.54 -3.24
CA LEU A 49 -27.99 10.65 -3.10
C LEU A 49 -28.01 11.42 -4.42
N ARG A 50 -29.17 11.42 -5.08
CA ARG A 50 -29.21 11.90 -6.46
C ARG A 50 -29.65 13.37 -6.58
N SER A 51 -30.56 13.84 -5.72
CA SER A 51 -31.10 15.17 -5.94
C SER A 51 -30.61 16.17 -4.91
N PRO A 52 -30.32 17.40 -5.33
CA PRO A 52 -30.01 18.48 -4.38
C PRO A 52 -30.99 18.52 -3.23
N GLY A 53 -30.46 18.61 -2.01
CA GLY A 53 -31.27 18.62 -0.82
C GLY A 53 -31.49 17.26 -0.18
N ASP A 54 -31.20 16.18 -0.90
CA ASP A 54 -31.31 14.85 -0.32
C ASP A 54 -30.32 14.69 0.82
N LYS A 55 -30.81 14.16 1.94
CA LYS A 55 -30.02 13.98 3.15
C LYS A 55 -30.41 12.65 3.76
N GLU A 56 -29.43 11.90 4.25
CA GLU A 56 -29.77 10.69 4.98
C GLU A 56 -28.63 10.38 5.94
N VAL A 57 -28.95 9.64 6.99
CA VAL A 57 -28.00 9.27 8.02
C VAL A 57 -27.92 7.76 8.10
N LYS A 58 -26.79 7.26 8.61
CA LYS A 58 -26.59 5.83 8.76
C LYS A 58 -25.52 5.63 9.82
N SER A 59 -25.65 4.56 10.60
CA SER A 59 -24.67 4.21 11.62
C SER A 59 -24.07 2.84 11.30
N LEU A 60 -22.75 2.77 11.30
CA LEU A 60 -22.01 1.52 11.19
C LEU A 60 -21.06 1.42 12.37
N PRO A 61 -20.57 0.23 12.68
CA PRO A 61 -19.57 0.13 13.77
C PRO A 61 -18.40 1.07 13.48
N GLY A 62 -18.12 2.00 14.40
CA GLY A 62 -17.00 2.90 14.26
C GLY A 62 -17.34 4.30 13.81
N ALA A 63 -18.50 4.52 13.19
CA ALA A 63 -18.81 5.87 12.71
C ALA A 63 -20.30 6.07 12.50
N ASP A 64 -20.77 7.27 12.83
CA ASP A 64 -22.07 7.78 12.41
C ASP A 64 -21.88 8.71 11.22
N TYR A 65 -22.75 8.58 10.23
CA TYR A 65 -22.64 9.31 8.97
C TYR A 65 -23.86 10.17 8.72
N LEU A 66 -23.63 11.36 8.14
CA LEU A 66 -24.70 12.21 7.62
C LEU A 66 -24.27 12.69 6.24
N ALA A 67 -25.01 12.28 5.20
CA ALA A 67 -24.63 12.56 3.83
C ALA A 67 -25.63 13.53 3.22
N THR A 68 -25.12 14.45 2.40
CA THR A 68 -25.98 15.44 1.75
C THR A 68 -25.57 15.62 0.30
N ARG A 69 -26.53 15.54 -0.61
CA ARG A 69 -26.32 16.03 -1.97
C ARG A 69 -26.70 17.51 -1.96
N VAL A 70 -25.70 18.38 -2.04
CA VAL A 70 -25.93 19.81 -1.85
C VAL A 70 -26.37 20.45 -3.17
N THR A 71 -25.65 20.14 -4.25
CA THR A 71 -25.95 20.63 -5.58
C THR A 71 -25.79 19.49 -6.58
N ASP A 72 -26.01 19.81 -7.86
CA ASP A 72 -25.81 18.81 -8.90
C ASP A 72 -24.38 18.32 -8.97
N THR A 73 -23.42 19.08 -8.44
CA THR A 73 -22.02 18.69 -8.54
C THR A 73 -21.33 18.56 -7.19
N GLU A 74 -22.05 18.65 -6.08
CA GLU A 74 -21.43 18.64 -4.76
C GLU A 74 -22.08 17.62 -3.85
N LEU A 75 -21.28 16.70 -3.32
CA LEU A 75 -21.74 15.71 -2.36
C LEU A 75 -20.92 15.88 -1.09
N ARG A 76 -21.57 15.82 0.07
CA ARG A 76 -20.89 16.02 1.33
C ARG A 76 -21.15 14.85 2.26
N LEU A 77 -20.26 14.68 3.23
CA LEU A 77 -20.40 13.65 4.25
C LEU A 77 -19.81 14.18 5.54
N GLN A 78 -20.58 14.10 6.62
CA GLN A 78 -20.04 14.29 7.95
C GLN A 78 -19.87 12.92 8.60
N VAL A 79 -18.67 12.68 9.13
CA VAL A 79 -18.36 11.46 9.85
C VAL A 79 -18.23 11.83 11.31
N ALA A 80 -19.07 11.28 12.17
CA ALA A 80 -19.13 11.76 13.53
C ALA A 80 -19.06 10.60 14.53
N ASN A 81 -18.92 10.97 15.80
CA ASN A 81 -18.86 9.98 16.86
C ASN A 81 -17.86 8.88 16.53
N MET A 82 -16.73 9.25 15.95
CA MET A 82 -15.85 8.23 15.42
C MET A 82 -15.20 7.43 16.54
N SER A 83 -15.10 6.11 16.31
CA SER A 83 -14.36 5.23 17.20
C SER A 83 -13.48 4.25 16.46
N GLN A 84 -13.46 4.26 15.13
CA GLN A 84 -12.51 3.44 14.39
C GLN A 84 -12.26 4.08 13.04
N GLY A 85 -11.01 4.01 12.59
CA GLY A 85 -10.65 4.56 11.31
C GLY A 85 -11.24 3.75 10.16
N ARG A 86 -11.17 4.35 8.98
CA ARG A 86 -11.76 3.82 7.75
C ARG A 86 -11.30 4.72 6.63
N THR A 87 -11.42 4.25 5.41
CA THR A 87 -11.23 5.10 4.26
C THR A 87 -12.59 5.30 3.59
N LEU A 88 -12.87 6.53 3.20
CA LEU A 88 -14.10 6.84 2.50
C LEU A 88 -13.81 7.21 1.06
N TYR A 89 -14.60 6.67 0.15
CA TYR A 89 -14.48 6.98 -1.27
C TYR A 89 -15.77 7.61 -1.75
N CYS A 90 -15.65 8.75 -2.43
CA CYS A 90 -16.72 9.23 -3.29
C CYS A 90 -16.66 8.45 -4.58
N THR A 91 -17.81 8.08 -5.14
CA THR A 91 -17.82 7.42 -6.44
C THR A 91 -18.79 8.13 -7.35
N CYS A 92 -18.62 7.90 -8.66
CA CYS A 92 -19.61 8.41 -9.60
C CYS A 92 -19.83 7.39 -10.71
N SER A 93 -21.02 7.45 -11.30
CA SER A 93 -21.32 6.61 -12.45
C SER A 93 -22.34 7.32 -13.33
N ALA A 94 -22.41 6.88 -14.58
CA ALA A 94 -23.29 7.54 -15.55
C ALA A 94 -24.74 7.19 -15.34
N ARG A 95 -25.02 5.98 -14.86
CA ARG A 95 -26.37 5.52 -14.52
C ARG A 95 -26.31 4.86 -13.15
N HIS A 96 -27.49 4.66 -12.54
CA HIS A 96 -27.49 4.15 -11.18
C HIS A 96 -26.99 2.71 -11.10
N SER A 97 -27.04 1.98 -12.21
CA SER A 97 -26.53 0.62 -12.27
C SER A 97 -26.03 0.36 -13.67
N ALA A 98 -25.37 -0.79 -13.85
CA ALA A 98 -25.03 -1.34 -15.15
C ALA A 98 -23.91 -0.59 -15.86
N GLU A 99 -23.21 0.30 -15.16
CA GLU A 99 -22.11 1.06 -15.76
C GLU A 99 -20.89 0.96 -14.86
N THR A 100 -19.76 1.45 -15.37
CA THR A 100 -18.55 1.49 -14.58
C THR A 100 -18.71 2.44 -13.39
N LEU A 101 -18.24 2.00 -12.23
CA LEU A 101 -18.17 2.82 -11.04
C LEU A 101 -16.77 3.40 -10.94
N TYR A 102 -16.68 4.73 -10.84
CA TYR A 102 -15.40 5.42 -10.74
C TYR A 102 -15.18 5.89 -9.31
N PHE A 103 -13.98 5.67 -8.79
CA PHE A 103 -13.63 6.01 -7.41
C PHE A 103 -12.80 7.29 -7.35
N GLY A 104 -13.16 8.18 -6.42
CA GLY A 104 -12.34 9.34 -6.13
C GLY A 104 -11.06 8.94 -5.39
N SER A 105 -10.23 9.95 -5.12
CA SER A 105 -8.91 9.69 -4.55
C SER A 105 -8.97 9.23 -3.10
N GLY A 106 -10.10 9.44 -2.41
CA GLY A 106 -10.33 8.84 -1.12
C GLY A 106 -9.91 9.74 0.04
N THR A 107 -10.49 9.47 1.20
CA THR A 107 -10.18 10.18 2.44
C THR A 107 -9.85 9.13 3.49
N ARG A 108 -8.60 9.09 3.96
CA ARG A 108 -8.23 8.14 5.01
C ARG A 108 -8.42 8.81 6.36
N LEU A 109 -9.25 8.22 7.21
CA LEU A 109 -9.51 8.72 8.55
C LEU A 109 -8.90 7.76 9.57
N THR A 110 -8.18 8.32 10.53
CA THR A 110 -7.58 7.53 11.58
C THR A 110 -8.03 8.15 12.89
N VAL A 111 -8.45 7.30 13.83
CA VAL A 111 -8.94 7.74 15.13
C VAL A 111 -7.88 7.37 16.16
N LEU A 112 -7.39 8.36 16.92
CA LEU A 112 -6.27 8.13 17.84
C LEU A 112 -6.21 9.28 18.84
N ASP A 113 -5.26 9.19 19.77
CA ASP A 113 -4.94 10.28 20.70
C ASP A 113 -3.90 11.19 20.06
N LEU A 114 -4.26 12.46 19.83
CA LEU A 114 -3.38 13.37 19.11
C LEU A 114 -2.05 13.54 19.82
N ARG A 115 -2.02 13.38 21.14
CA ARG A 115 -0.77 13.59 21.86
C ARG A 115 0.26 12.51 21.59
N ASN A 116 -0.13 11.41 20.93
CA ASN A 116 0.81 10.34 20.62
C ASN A 116 1.36 10.41 19.20
N VAL A 117 1.04 11.46 18.44
CA VAL A 117 1.46 11.54 17.05
C VAL A 117 2.91 11.99 16.98
N PHE A 118 3.70 11.33 16.13
CA PHE A 118 5.14 11.54 16.03
C PHE A 118 5.52 11.46 14.55
N PRO A 119 6.29 12.41 14.04
CA PRO A 119 6.78 12.28 12.69
C PRO A 119 7.93 11.29 12.63
N PRO A 120 8.29 10.80 11.45
CA PRO A 120 9.43 9.90 11.35
C PRO A 120 10.76 10.61 11.49
N GLU A 121 11.72 9.88 12.03
CA GLU A 121 13.13 10.18 11.82
C GLU A 121 13.55 9.37 10.60
N VAL A 122 14.39 9.96 9.75
CA VAL A 122 14.73 9.35 8.46
C VAL A 122 16.25 9.30 8.32
N ALA A 123 16.77 8.15 7.88
CA ALA A 123 18.21 7.99 7.71
C ALA A 123 18.46 7.20 6.43
N VAL A 124 19.53 7.56 5.72
CA VAL A 124 19.96 6.82 4.53
C VAL A 124 21.28 6.12 4.86
N PHE A 125 21.37 4.85 4.48
CA PHE A 125 22.55 4.03 4.74
C PHE A 125 23.24 3.73 3.42
N GLU A 126 24.55 3.97 3.37
CA GLU A 126 25.30 3.88 2.13
C GLU A 126 25.60 2.44 1.74
N PRO A 127 25.65 2.14 0.45
CA PRO A 127 25.92 0.78 -0.01
C PRO A 127 27.21 0.21 0.57
N SER A 128 27.18 -1.09 0.86
CA SER A 128 28.34 -1.82 1.35
C SER A 128 29.39 -1.97 0.25
N GLU A 129 30.66 -1.69 0.58
CA GLU A 129 31.74 -1.96 -0.37
C GLU A 129 31.80 -3.44 -0.75
N ALA A 130 31.39 -4.32 0.16
CA ALA A 130 31.40 -5.75 -0.17
C ALA A 130 30.33 -6.09 -1.20
N GLU A 131 29.15 -5.48 -1.10
CA GLU A 131 28.15 -5.69 -2.14
C GLU A 131 28.66 -5.22 -3.49
N ILE A 132 29.28 -4.04 -3.52
CA ILE A 132 29.82 -3.52 -4.78
C ILE A 132 30.85 -4.49 -5.37
N SER A 133 31.76 -5.00 -4.53
CA SER A 133 32.78 -5.92 -5.01
C SER A 133 32.18 -7.24 -5.47
N HIS A 134 31.17 -7.73 -4.73
CA HIS A 134 30.61 -9.05 -4.99
C HIS A 134 29.64 -9.08 -6.18
N THR A 135 28.92 -7.98 -6.43
CA THR A 135 27.79 -8.01 -7.37
C THR A 135 27.84 -6.93 -8.45
N GLN A 136 28.73 -5.94 -8.35
CA GLN A 136 28.76 -4.76 -9.19
C GLN A 136 27.45 -3.96 -9.11
N LYS A 137 26.71 -4.13 -8.01
CA LYS A 137 25.51 -3.37 -7.71
C LYS A 137 25.67 -2.70 -6.34
N ALA A 138 24.83 -1.70 -6.09
CA ALA A 138 24.93 -0.89 -4.87
C ALA A 138 23.52 -0.61 -4.37
N THR A 139 23.18 -1.15 -3.20
CA THR A 139 21.86 -0.96 -2.60
C THR A 139 21.98 0.09 -1.50
N LEU A 140 21.26 1.19 -1.65
CA LEU A 140 21.04 2.16 -0.60
C LEU A 140 19.83 1.73 0.20
N VAL A 141 19.85 1.97 1.51
CA VAL A 141 18.69 1.65 2.35
C VAL A 141 18.24 2.91 3.05
N CYS A 142 16.93 3.15 3.04
CA CYS A 142 16.32 4.24 3.79
C CYS A 142 15.51 3.66 4.93
N LEU A 143 15.66 4.22 6.13
CA LEU A 143 14.88 3.78 7.28
C LEU A 143 14.09 4.98 7.80
N ALA A 144 12.78 4.83 7.90
CA ALA A 144 11.92 5.78 8.59
C ALA A 144 11.49 5.14 9.90
N THR A 145 11.73 5.82 11.03
CA THR A 145 11.54 5.20 12.33
C THR A 145 10.77 6.12 13.28
N GLY A 146 10.09 5.46 14.22
CA GLY A 146 9.47 6.13 15.34
C GLY A 146 8.23 6.95 15.02
N PHE A 147 7.54 6.67 13.93
CA PHE A 147 6.41 7.52 13.56
C PHE A 147 5.08 6.90 13.98
N TYR A 148 4.09 7.78 14.14
CA TYR A 148 2.75 7.36 14.55
C TYR A 148 1.79 8.46 14.14
N PRO A 149 0.68 8.14 13.47
CA PRO A 149 0.22 6.82 13.02
C PRO A 149 0.98 6.33 11.81
N ASP A 150 0.50 5.30 11.11
CA ASP A 150 1.36 4.61 10.15
C ASP A 150 1.22 5.10 8.73
N HIS A 151 0.76 6.33 8.51
CA HIS A 151 0.46 6.81 7.15
C HIS A 151 1.60 7.69 6.65
N VAL A 152 2.52 7.08 5.91
CA VAL A 152 3.65 7.76 5.30
C VAL A 152 3.67 7.36 3.82
N GLU A 153 4.28 8.22 3.01
CA GLU A 153 4.61 7.87 1.64
C GLU A 153 6.09 8.12 1.43
N LEU A 154 6.82 7.09 1.03
CA LEU A 154 8.25 7.18 0.84
C LEU A 154 8.58 7.23 -0.64
N SER A 155 9.49 8.13 -1.00
CA SER A 155 9.96 8.24 -2.38
C SER A 155 11.47 8.45 -2.41
N TRP A 156 12.09 8.02 -3.52
CA TRP A 156 13.50 8.27 -3.75
C TRP A 156 13.69 9.32 -4.84
N TRP A 157 14.69 10.18 -4.66
CA TRP A 157 15.00 11.25 -5.58
C TRP A 157 16.47 11.18 -5.94
N VAL A 158 16.77 11.04 -7.22
CA VAL A 158 18.15 10.95 -7.69
C VAL A 158 18.40 12.18 -8.56
N ASN A 159 19.39 12.98 -8.17
CA ASN A 159 19.73 14.20 -8.90
C ASN A 159 18.49 15.06 -9.13
N GLY A 160 17.66 15.14 -8.10
CA GLY A 160 16.49 15.99 -8.12
C GLY A 160 15.26 15.42 -8.80
N LYS A 161 15.30 14.19 -9.30
CA LYS A 161 14.20 13.59 -10.03
C LYS A 161 13.73 12.34 -9.30
N GLU A 162 12.43 12.20 -9.12
CA GLU A 162 11.91 10.99 -8.48
C GLU A 162 12.18 9.77 -9.35
N VAL A 163 12.61 8.68 -8.73
CA VAL A 163 12.91 7.45 -9.46
C VAL A 163 12.04 6.32 -8.94
N HIS A 164 11.82 5.34 -9.81
CA HIS A 164 11.05 4.15 -9.49
C HIS A 164 11.77 2.86 -9.82
N SER A 165 12.54 2.81 -10.90
CA SER A 165 13.32 1.63 -11.19
C SER A 165 14.36 1.43 -10.09
N GLY A 166 14.47 0.19 -9.63
CA GLY A 166 15.42 -0.14 -8.59
C GLY A 166 14.92 0.08 -7.18
N VAL A 167 13.68 0.54 -7.01
CA VAL A 167 13.13 0.85 -5.67
C VAL A 167 12.29 -0.32 -5.19
N CYS A 168 12.48 -0.70 -3.94
CA CYS A 168 11.58 -1.63 -3.26
C CYS A 168 11.31 -1.08 -1.86
N THR A 169 10.06 -0.72 -1.59
CA THR A 169 9.64 -0.20 -0.29
C THR A 169 8.71 -1.20 0.37
N ASP A 170 8.92 -1.44 1.68
CA ASP A 170 8.06 -2.36 2.41
C ASP A 170 6.60 -2.02 2.14
N PRO A 171 5.77 -3.01 1.78
CA PRO A 171 4.33 -2.73 1.60
C PRO A 171 3.65 -2.29 2.88
N GLN A 172 4.14 -2.74 4.05
CA GLN A 172 3.53 -2.31 5.30
C GLN A 172 4.60 -1.90 6.29
N PRO A 173 4.34 -0.89 7.12
CA PRO A 173 5.28 -0.57 8.20
C PRO A 173 5.28 -1.68 9.23
N LEU A 174 6.35 -1.75 9.99
CA LEU A 174 6.37 -2.71 11.09
C LEU A 174 6.17 -1.97 12.40
N LYS A 175 5.54 -2.64 13.35
CA LYS A 175 5.40 -2.05 14.68
C LYS A 175 6.71 -2.22 15.43
N GLU A 176 7.22 -1.12 15.97
CA GLU A 176 8.45 -1.21 16.75
C GLU A 176 8.23 -2.02 18.03
N GLN A 177 7.01 -2.04 18.55
CA GLN A 177 6.66 -2.84 19.72
C GLN A 177 5.32 -3.50 19.43
N PRO A 178 5.33 -4.66 18.77
CA PRO A 178 4.06 -5.25 18.29
C PRO A 178 3.05 -5.56 19.38
N ALA A 179 3.48 -5.64 20.64
CA ALA A 179 2.56 -5.93 21.73
C ALA A 179 1.74 -4.72 22.18
N LEU A 180 2.10 -3.50 21.78
CA LEU A 180 1.32 -2.31 22.11
C LEU A 180 0.28 -2.01 21.04
N ASN A 181 -0.92 -1.60 21.47
CA ASN A 181 -1.92 -1.21 20.48
C ASN A 181 -1.71 0.20 19.97
N ASP A 182 -0.69 0.91 20.47
CA ASP A 182 -0.33 2.23 19.97
C ASP A 182 1.16 2.32 19.75
N SER A 183 1.78 1.19 19.41
CA SER A 183 3.18 1.17 19.02
C SER A 183 3.46 2.19 17.92
N ARG A 184 4.63 2.82 17.99
CA ARG A 184 5.12 3.57 16.84
C ARG A 184 5.61 2.60 15.77
N TYR A 185 5.88 3.13 14.58
CA TYR A 185 6.14 2.31 13.41
C TYR A 185 7.50 2.63 12.79
N ALA A 186 7.96 1.69 11.96
CA ALA A 186 9.16 1.85 11.15
C ALA A 186 8.85 1.37 9.75
N LEU A 187 9.59 1.89 8.76
CA LEU A 187 9.43 1.49 7.37
C LEU A 187 10.80 1.52 6.71
N SER A 188 11.10 0.50 5.90
CA SER A 188 12.37 0.48 5.16
C SER A 188 12.13 0.49 3.67
N SER A 189 13.11 1.01 2.93
CA SER A 189 13.09 1.01 1.48
C SER A 189 14.52 0.80 0.97
N ARG A 190 14.63 0.22 -0.22
CA ARG A 190 15.90 0.03 -0.90
C ARG A 190 15.84 0.74 -2.25
N LEU A 191 16.99 1.30 -2.64
CA LEU A 191 17.19 1.78 -4.01
C LEU A 191 18.47 1.11 -4.50
N ARG A 192 18.34 0.28 -5.52
CA ARG A 192 19.50 -0.45 -6.03
C ARG A 192 19.93 0.12 -7.38
N VAL A 193 21.21 0.47 -7.48
CA VAL A 193 21.77 1.10 -8.68
C VAL A 193 23.03 0.33 -9.08
N SER A 194 23.50 0.60 -10.30
CA SER A 194 24.77 0.00 -10.68
C SER A 194 25.88 0.52 -9.78
N ALA A 195 26.88 -0.33 -9.51
CA ALA A 195 28.02 0.11 -8.72
C ALA A 195 28.64 1.38 -9.27
N THR A 196 28.82 1.47 -10.59
CA THR A 196 29.45 2.64 -11.16
C THR A 196 28.62 3.90 -10.97
N PHE A 197 27.30 3.78 -10.89
CA PHE A 197 26.45 4.95 -10.65
C PHE A 197 26.61 5.46 -9.23
N TRP A 198 26.62 4.54 -8.25
CA TRP A 198 26.88 4.96 -6.88
C TRP A 198 28.28 5.52 -6.73
N GLN A 199 29.26 4.99 -7.48
CA GLN A 199 30.63 5.41 -7.26
C GLN A 199 30.95 6.74 -7.92
N ASN A 200 29.95 7.49 -8.33
CA ASN A 200 30.14 8.78 -8.96
C ASN A 200 29.79 9.86 -7.96
N PRO A 201 30.77 10.60 -7.41
CA PRO A 201 30.46 11.58 -6.36
C PRO A 201 29.64 12.76 -6.85
N ARG A 202 29.38 12.87 -8.16
CA ARG A 202 28.49 13.89 -8.68
C ARG A 202 27.01 13.51 -8.49
N ASN A 203 26.71 12.26 -8.15
CA ASN A 203 25.34 11.82 -8.04
C ASN A 203 24.83 11.99 -6.60
N HIS A 204 23.59 12.45 -6.49
CA HIS A 204 22.98 12.79 -5.22
C HIS A 204 21.71 11.98 -5.04
N PHE A 205 21.57 11.38 -3.85
CA PHE A 205 20.48 10.47 -3.54
C PHE A 205 19.73 10.99 -2.33
N ARG A 206 18.40 11.05 -2.43
CA ARG A 206 17.61 11.52 -1.30
C ARG A 206 16.40 10.62 -1.09
N CYS A 207 16.20 10.20 0.15
CA CYS A 207 15.00 9.48 0.58
C CYS A 207 14.07 10.48 1.24
N GLN A 208 12.85 10.57 0.72
CA GLN A 208 11.83 11.53 1.17
C GLN A 208 10.67 10.77 1.80
N VAL A 209 10.29 11.16 3.01
CA VAL A 209 9.14 10.54 3.66
C VAL A 209 8.11 11.62 3.93
N GLN A 210 6.99 11.56 3.20
CA GLN A 210 5.84 12.42 3.49
C GLN A 210 5.07 11.79 4.64
N PHE A 211 4.89 12.54 5.72
CA PHE A 211 4.15 12.12 6.90
C PHE A 211 2.84 12.87 6.95
N TYR A 212 1.75 12.16 7.25
CA TYR A 212 0.44 12.76 7.43
C TYR A 212 0.14 12.75 8.93
N GLY A 213 0.06 13.95 9.51
CA GLY A 213 0.02 14.13 10.94
C GLY A 213 -1.19 14.99 11.32
N LEU A 214 -1.00 15.78 12.38
CA LEU A 214 -2.03 16.70 12.85
C LEU A 214 -2.34 17.79 11.83
N SER A 215 -3.51 18.39 12.00
CA SER A 215 -3.87 19.61 11.30
C SER A 215 -3.31 20.82 12.03
N GLU A 216 -3.05 21.90 11.27
CA GLU A 216 -2.77 23.16 11.93
C GLU A 216 -3.93 23.57 12.83
N ASN A 217 -5.15 23.09 12.53
CA ASN A 217 -6.34 23.42 13.32
C ASN A 217 -6.38 22.74 14.69
N ASP A 218 -5.60 21.68 14.91
CA ASP A 218 -5.57 21.03 16.21
C ASP A 218 -4.68 21.83 17.15
N GLU A 219 -5.18 22.14 18.36
CA GLU A 219 -4.34 22.88 19.29
C GLU A 219 -3.35 21.93 19.96
N TRP A 220 -2.06 22.27 19.85
CA TRP A 220 -0.97 21.51 20.43
C TRP A 220 -0.49 22.23 21.69
N THR A 221 -0.31 21.49 22.78
CA THR A 221 0.08 22.09 24.04
C THR A 221 1.31 21.43 24.65
N GLN A 222 2.06 20.65 23.88
CA GLN A 222 3.21 19.95 24.42
C GLN A 222 4.50 20.67 24.08
N ASP A 223 5.54 20.33 24.83
CA ASP A 223 6.85 20.96 24.70
C ASP A 223 7.75 20.19 23.74
N ARG A 224 7.18 19.65 22.66
CA ARG A 224 7.95 19.19 21.53
C ARG A 224 7.30 19.75 20.27
N ALA A 225 8.00 19.63 19.15
CA ALA A 225 7.49 20.20 17.91
C ALA A 225 6.10 19.67 17.62
N LYS A 226 5.26 20.52 17.05
CA LYS A 226 3.90 20.12 16.69
C LYS A 226 3.96 19.15 15.52
N PRO A 227 3.45 17.91 15.64
CA PRO A 227 3.66 16.90 14.59
C PRO A 227 2.63 16.99 13.46
N VAL A 228 2.66 18.11 12.72
CA VAL A 228 1.78 18.31 11.59
C VAL A 228 2.29 17.50 10.41
N THR A 229 1.46 17.38 9.39
CA THR A 229 1.89 16.86 8.10
C THR A 229 3.16 17.56 7.62
N GLN A 230 4.14 16.78 7.18
CA GLN A 230 5.45 17.34 6.86
C GLN A 230 6.24 16.30 6.09
N ILE A 231 7.30 16.77 5.42
CA ILE A 231 8.28 15.90 4.76
C ILE A 231 9.53 15.84 5.61
N VAL A 232 10.04 14.63 5.84
CA VAL A 232 11.33 14.41 6.46
C VAL A 232 12.19 13.65 5.46
N SER A 233 13.42 14.12 5.23
CA SER A 233 14.30 13.52 4.24
C SER A 233 15.68 13.22 4.83
N ALA A 234 16.39 12.33 4.15
CA ALA A 234 17.82 12.10 4.40
C ALA A 234 18.51 11.92 3.06
N GLU A 235 19.81 12.19 3.00
CA GLU A 235 20.49 12.21 1.71
C GLU A 235 21.89 11.63 1.82
N ALA A 236 22.45 11.31 0.65
CA ALA A 236 23.84 10.89 0.53
C ALA A 236 24.32 11.25 -0.85
N TRP A 237 25.60 11.59 -0.96
CA TRP A 237 26.26 11.69 -2.26
C TRP A 237 27.01 10.40 -2.56
N GLY A 238 27.18 10.13 -3.85
CA GLY A 238 27.99 9.01 -4.29
C GLY A 238 29.43 9.11 -3.81
N ARG A 239 30.09 7.97 -3.79
CA ARG A 239 31.41 7.84 -3.17
C ARG A 239 32.34 7.10 -4.12
N ALA A 240 33.42 7.75 -4.52
CA ALA A 240 34.30 7.16 -5.53
C ALA A 240 34.99 5.91 -4.98
N ASP A 241 35.41 5.05 -5.92
CA ASP A 241 36.03 3.75 -5.63
C ASP A 241 37.46 3.92 -5.12
N ASP B 1 -27.58 -10.72 -4.46
CA ASP B 1 -27.37 -9.98 -3.23
C ASP B 1 -26.06 -10.36 -2.52
N SER B 2 -25.24 -11.23 -3.10
CA SER B 2 -24.01 -11.60 -2.42
C SER B 2 -22.89 -11.87 -3.42
N VAL B 3 -21.67 -11.65 -2.96
CA VAL B 3 -20.46 -11.88 -3.75
C VAL B 3 -19.46 -12.56 -2.84
N THR B 4 -18.89 -13.68 -3.30
CA THR B 4 -18.01 -14.51 -2.50
C THR B 4 -16.68 -14.69 -3.21
N GLN B 5 -15.61 -14.26 -2.57
CA GLN B 5 -14.24 -14.51 -3.03
C GLN B 5 -13.63 -15.44 -1.99
N LYS B 6 -13.58 -16.73 -2.29
CA LYS B 6 -13.27 -17.70 -1.25
C LYS B 6 -11.83 -17.64 -0.78
N GLU B 7 -10.93 -17.04 -1.54
CA GLU B 7 -9.52 -16.99 -1.17
C GLU B 7 -9.14 -15.55 -0.80
N GLY B 8 -8.54 -15.39 0.38
CA GLY B 8 -8.15 -14.07 0.84
C GLY B 8 -6.76 -13.67 0.35
N LEU B 9 -5.91 -14.65 0.12
CA LEU B 9 -4.53 -14.38 -0.27
C LEU B 9 -4.08 -15.46 -1.24
N VAL B 10 -3.43 -15.04 -2.32
CA VAL B 10 -2.88 -15.95 -3.31
C VAL B 10 -1.43 -15.53 -3.54
N THR B 11 -0.50 -16.44 -3.26
CA THR B 11 0.92 -16.20 -3.48
C THR B 11 1.37 -17.07 -4.64
N LEU B 12 2.04 -16.46 -5.61
CA LEU B 12 2.30 -17.12 -6.88
C LEU B 12 3.59 -16.60 -7.51
N THR B 13 4.40 -17.50 -8.05
CA THR B 13 5.62 -17.07 -8.73
C THR B 13 5.28 -16.46 -10.09
N GLU B 14 5.99 -15.40 -10.44
CA GLU B 14 5.81 -14.77 -11.74
C GLU B 14 5.91 -15.81 -12.85
N GLY B 15 5.15 -15.59 -13.92
CA GLY B 15 5.12 -16.50 -15.05
C GLY B 15 4.08 -17.59 -14.97
N LEU B 16 3.51 -17.87 -13.76
CA LEU B 16 2.49 -18.90 -13.55
C LEU B 16 1.09 -18.32 -13.67
N PRO B 17 0.09 -19.17 -13.95
CA PRO B 17 -1.26 -18.66 -14.19
C PRO B 17 -1.95 -18.16 -12.93
N VAL B 18 -2.76 -17.12 -13.12
CA VAL B 18 -3.55 -16.51 -12.06
C VAL B 18 -4.98 -17.02 -12.18
N MET B 19 -5.56 -17.41 -11.05
CA MET B 19 -6.96 -17.78 -10.96
C MET B 19 -7.49 -17.24 -9.64
N LEU B 20 -8.35 -16.23 -9.70
CA LEU B 20 -8.98 -15.67 -8.51
C LEU B 20 -10.47 -15.96 -8.58
N ASN B 21 -10.96 -16.75 -7.62
CA ASN B 21 -12.32 -17.24 -7.63
C ASN B 21 -13.30 -16.14 -7.27
N CYS B 22 -14.42 -16.09 -8.00
CA CYS B 22 -15.56 -15.24 -7.62
C CYS B 22 -16.85 -15.96 -7.96
N THR B 23 -17.74 -16.08 -6.97
CA THR B 23 -19.10 -16.53 -7.25
C THR B 23 -20.04 -15.48 -6.71
N TYR B 24 -21.29 -15.50 -7.19
CA TYR B 24 -22.26 -14.50 -6.75
C TYR B 24 -23.63 -15.13 -6.63
N GLN B 25 -24.54 -14.40 -5.97
CA GLN B 25 -25.93 -14.79 -5.92
C GLN B 25 -26.79 -13.57 -6.19
N THR B 26 -27.75 -13.70 -7.10
CA THR B 26 -28.72 -12.64 -7.37
C THR B 26 -30.00 -13.25 -7.93
N ILE B 27 -31.13 -12.61 -7.65
CA ILE B 27 -32.38 -12.99 -8.31
C ILE B 27 -32.60 -12.21 -9.60
N TYR B 28 -31.73 -11.25 -9.91
CA TYR B 28 -31.95 -10.37 -11.04
C TYR B 28 -31.50 -11.02 -12.34
N SER B 29 -32.28 -10.81 -13.41
CA SER B 29 -31.83 -11.15 -14.74
C SER B 29 -30.78 -10.14 -15.23
N ASN B 30 -30.96 -8.87 -14.89
CA ASN B 30 -30.03 -7.81 -15.28
C ASN B 30 -28.99 -7.66 -14.17
N ALA B 31 -27.94 -8.48 -14.25
CA ALA B 31 -26.89 -8.47 -13.24
C ALA B 31 -25.55 -8.24 -13.90
N PHE B 32 -24.80 -7.28 -13.37
CA PHE B 32 -23.56 -6.83 -13.98
C PHE B 32 -22.41 -7.18 -13.04
N LEU B 33 -21.43 -7.94 -13.53
CA LEU B 33 -20.28 -8.33 -12.73
C LEU B 33 -19.01 -7.59 -13.13
N PHE B 34 -18.15 -7.35 -12.13
CA PHE B 34 -16.96 -6.53 -12.29
C PHE B 34 -15.79 -7.13 -11.53
N TRP B 35 -14.58 -6.87 -12.04
CA TRP B 35 -13.37 -6.99 -11.22
C TRP B 35 -12.75 -5.61 -11.10
N TYR B 36 -12.38 -5.25 -9.88
CA TYR B 36 -11.69 -4.01 -9.56
C TYR B 36 -10.31 -4.38 -9.03
N VAL B 37 -9.30 -3.58 -9.37
CA VAL B 37 -7.96 -3.77 -8.86
C VAL B 37 -7.58 -2.55 -8.04
N HIS B 38 -6.84 -2.80 -6.96
CA HIS B 38 -6.53 -1.77 -5.98
C HIS B 38 -5.04 -1.83 -5.69
N TYR B 39 -4.27 -0.97 -6.35
CA TYR B 39 -2.83 -0.92 -6.12
C TYR B 39 -2.54 -0.05 -4.91
N LEU B 40 -1.35 -0.25 -4.33
CA LEU B 40 -0.93 0.50 -3.16
C LEU B 40 -0.96 1.99 -3.41
N ASN B 41 -1.54 2.73 -2.47
CA ASN B 41 -1.63 4.19 -2.53
C ASN B 41 -2.36 4.70 -3.77
N GLU B 42 -3.23 3.87 -4.34
CA GLU B 42 -4.13 4.28 -5.43
C GLU B 42 -5.56 3.94 -5.02
N SER B 43 -6.52 4.50 -5.72
CA SER B 43 -7.91 4.13 -5.47
C SER B 43 -8.30 2.92 -6.30
N PRO B 44 -9.31 2.16 -5.89
CA PRO B 44 -9.77 1.05 -6.73
C PRO B 44 -10.15 1.53 -8.11
N ARG B 45 -9.84 0.71 -9.12
CA ARG B 45 -10.27 1.03 -10.47
C ARG B 45 -10.68 -0.23 -11.23
N LEU B 46 -11.53 -0.02 -12.22
CA LEU B 46 -12.06 -1.14 -13.01
C LEU B 46 -10.94 -1.90 -13.68
N LEU B 47 -11.00 -3.23 -13.60
CA LEU B 47 -10.14 -4.09 -14.40
C LEU B 47 -10.89 -4.65 -15.61
N LEU B 48 -12.06 -5.26 -15.38
CA LEU B 48 -12.92 -5.68 -16.48
C LEU B 48 -14.32 -5.92 -15.95
N LYS B 49 -15.26 -6.19 -16.86
CA LYS B 49 -16.67 -6.26 -16.48
C LYS B 49 -17.46 -6.95 -17.57
N SER B 50 -18.60 -7.53 -17.17
CA SER B 50 -19.44 -8.21 -18.15
C SER B 50 -20.80 -8.48 -17.54
N SER B 51 -21.82 -8.49 -18.40
CA SER B 51 -23.10 -9.08 -18.05
C SER B 51 -23.52 -10.17 -19.03
N THR B 52 -22.63 -10.61 -19.92
CA THR B 52 -22.98 -11.52 -21.00
C THR B 52 -22.50 -12.93 -20.68
N ASP B 53 -23.46 -13.85 -20.56
CA ASP B 53 -23.16 -15.25 -20.27
C ASP B 53 -22.19 -15.79 -21.31
N ASN B 54 -21.11 -16.41 -20.83
CA ASN B 54 -20.17 -17.17 -21.64
C ASN B 54 -19.38 -16.31 -22.61
N LYS B 55 -19.29 -15.01 -22.39
CA LYS B 55 -18.50 -14.13 -23.25
C LYS B 55 -17.17 -13.83 -22.58
N ARG B 56 -16.07 -14.24 -23.20
CA ARG B 56 -14.75 -13.92 -22.66
C ARG B 56 -14.52 -12.42 -22.78
N THR B 57 -14.16 -11.79 -21.65
CA THR B 57 -13.81 -10.38 -21.62
C THR B 57 -12.36 -10.25 -21.15
N GLU B 58 -11.62 -9.34 -21.78
CA GLU B 58 -10.19 -9.29 -21.54
C GLU B 58 -9.73 -7.85 -21.38
N HIS B 59 -8.74 -7.65 -20.50
CA HIS B 59 -8.07 -6.36 -20.35
C HIS B 59 -6.65 -6.62 -19.86
N GLN B 60 -5.67 -6.22 -20.68
CA GLN B 60 -4.24 -6.27 -20.34
C GLN B 60 -3.82 -7.63 -19.80
N GLY B 61 -4.19 -8.69 -20.52
CA GLY B 61 -3.84 -10.03 -20.15
C GLY B 61 -4.72 -10.67 -19.11
N PHE B 62 -5.51 -9.90 -18.37
CA PHE B 62 -6.51 -10.48 -17.50
C PHE B 62 -7.74 -10.82 -18.32
N HIS B 63 -8.43 -11.90 -17.95
CA HIS B 63 -9.68 -12.21 -18.62
C HIS B 63 -10.63 -12.90 -17.65
N ALA B 64 -11.92 -12.80 -17.95
CA ALA B 64 -12.92 -13.47 -17.14
C ALA B 64 -14.08 -13.82 -18.05
N THR B 65 -14.77 -14.90 -17.70
CA THR B 65 -15.98 -15.31 -18.41
C THR B 65 -17.10 -15.51 -17.39
N LEU B 66 -18.20 -14.80 -17.57
CA LEU B 66 -19.38 -15.02 -16.77
C LEU B 66 -19.98 -16.37 -17.15
N HIS B 67 -20.27 -17.19 -16.14
CA HIS B 67 -21.02 -18.44 -16.35
C HIS B 67 -22.23 -18.39 -15.42
N LYS B 68 -23.37 -18.02 -15.99
CA LYS B 68 -24.57 -17.88 -15.19
C LYS B 68 -25.01 -19.21 -14.59
N SER B 69 -24.76 -20.31 -15.31
CA SER B 69 -25.16 -21.64 -14.85
C SER B 69 -24.42 -22.05 -13.57
N SER B 70 -23.22 -21.52 -13.35
CA SER B 70 -22.50 -21.78 -12.10
C SER B 70 -22.29 -20.51 -11.28
N SER B 71 -22.98 -19.43 -11.63
CA SER B 71 -22.90 -18.13 -10.94
C SER B 71 -21.46 -17.78 -10.60
N SER B 72 -20.60 -17.82 -11.62
CA SER B 72 -19.18 -17.56 -11.40
C SER B 72 -18.66 -16.48 -12.35
N PHE B 73 -17.61 -15.81 -11.92
CA PHE B 73 -16.93 -14.79 -12.73
C PHE B 73 -15.45 -14.78 -12.33
N HIS B 74 -14.76 -15.90 -12.57
CA HIS B 74 -13.40 -16.06 -12.07
C HIS B 74 -12.41 -15.23 -12.88
N LEU B 75 -11.46 -14.61 -12.18
CA LEU B 75 -10.45 -13.79 -12.82
C LEU B 75 -9.24 -14.65 -13.15
N HIS B 76 -8.78 -14.55 -14.40
CA HIS B 76 -7.70 -15.37 -14.91
C HIS B 76 -6.63 -14.50 -15.56
N LYS B 77 -5.38 -15.00 -15.55
CA LYS B 77 -4.29 -14.43 -16.33
C LYS B 77 -3.29 -15.55 -16.58
N SER B 78 -2.78 -15.65 -17.81
CA SER B 78 -1.95 -16.79 -18.15
C SER B 78 -0.60 -16.74 -17.44
N SER B 79 -0.03 -15.55 -17.31
CA SER B 79 1.32 -15.38 -16.79
C SER B 79 1.37 -14.19 -15.84
N ALA B 80 1.48 -14.49 -14.54
CA ALA B 80 1.53 -13.42 -13.54
C ALA B 80 2.79 -12.59 -13.71
N GLN B 81 2.68 -11.29 -13.49
CA GLN B 81 3.84 -10.41 -13.48
C GLN B 81 3.94 -9.74 -12.12
N LEU B 82 5.17 -9.36 -11.75
CA LEU B 82 5.36 -8.74 -10.45
C LEU B 82 4.46 -7.51 -10.27
N SER B 83 4.18 -6.77 -11.35
CA SER B 83 3.36 -5.57 -11.24
C SER B 83 1.89 -5.89 -11.00
N ASP B 84 1.53 -7.17 -11.02
CA ASP B 84 0.16 -7.56 -10.70
C ASP B 84 -0.12 -7.65 -9.21
N SER B 85 0.90 -7.55 -8.35
CA SER B 85 0.64 -7.63 -6.92
C SER B 85 -0.27 -6.48 -6.52
N ALA B 86 -1.44 -6.83 -5.95
CA ALA B 86 -2.48 -5.87 -5.63
C ALA B 86 -3.65 -6.55 -4.93
N LEU B 87 -4.64 -5.78 -4.52
CA LEU B 87 -5.89 -6.30 -4.00
C LEU B 87 -6.90 -6.31 -5.13
N TYR B 88 -7.64 -7.42 -5.25
CA TYR B 88 -8.62 -7.58 -6.32
C TYR B 88 -9.99 -7.81 -5.72
N TYR B 89 -10.99 -7.01 -6.16
CA TYR B 89 -12.37 -7.16 -5.71
C TYR B 89 -13.27 -7.59 -6.85
N CYS B 90 -14.10 -8.61 -6.60
CA CYS B 90 -15.21 -8.93 -7.47
C CYS B 90 -16.44 -8.14 -7.01
N ALA B 91 -17.25 -7.66 -7.95
CA ALA B 91 -18.37 -6.81 -7.57
C ALA B 91 -19.60 -7.07 -8.44
N LEU B 92 -20.76 -6.77 -7.88
CA LEU B 92 -22.05 -7.05 -8.48
C LEU B 92 -22.92 -5.80 -8.44
N SER B 93 -23.48 -5.43 -9.59
CA SER B 93 -24.49 -4.38 -9.67
C SER B 93 -25.78 -4.96 -10.24
N GLU B 94 -26.90 -4.72 -9.55
CA GLU B 94 -28.23 -5.19 -9.97
C GLU B 94 -29.08 -3.95 -10.27
N GLY B 95 -29.95 -4.06 -11.29
CA GLY B 95 -30.71 -2.90 -11.71
C GLY B 95 -31.65 -2.32 -10.67
N GLY B 96 -32.03 -3.10 -9.67
CA GLY B 96 -32.94 -2.58 -8.68
C GLY B 96 -32.29 -1.89 -7.51
N ASN B 97 -30.96 -1.77 -7.53
CA ASN B 97 -30.16 -1.28 -6.43
C ASN B 97 -29.33 -0.09 -6.86
N TYR B 98 -29.08 0.83 -5.91
CA TYR B 98 -28.06 1.86 -6.12
C TYR B 98 -26.68 1.39 -5.64
N LYS B 99 -26.63 0.38 -4.79
CA LYS B 99 -25.37 -0.12 -4.27
C LYS B 99 -24.70 -1.07 -5.26
N TYR B 100 -23.36 -1.08 -5.23
CA TYR B 100 -22.58 -2.18 -5.78
C TYR B 100 -22.14 -3.02 -4.60
N VAL B 101 -22.25 -4.34 -4.71
CA VAL B 101 -21.79 -5.24 -3.65
C VAL B 101 -20.41 -5.74 -4.01
N PHE B 102 -19.44 -5.55 -3.11
CA PHE B 102 -18.07 -5.97 -3.31
C PHE B 102 -17.77 -7.19 -2.46
N GLY B 103 -17.07 -8.16 -3.06
CA GLY B 103 -16.54 -9.27 -2.31
C GLY B 103 -15.48 -8.81 -1.31
N ALA B 104 -15.05 -9.74 -0.47
CA ALA B 104 -14.11 -9.37 0.59
C ALA B 104 -12.73 -9.01 0.06
N GLY B 105 -12.43 -9.34 -1.18
CA GLY B 105 -11.14 -9.02 -1.75
C GLY B 105 -10.19 -10.20 -1.69
N THR B 106 -9.34 -10.31 -2.69
CA THR B 106 -8.27 -11.30 -2.72
C THR B 106 -6.97 -10.56 -2.95
N ARG B 107 -6.02 -10.73 -2.04
CA ARG B 107 -4.70 -10.17 -2.24
C ARG B 107 -3.88 -11.11 -3.11
N LEU B 108 -3.30 -10.56 -4.17
CA LEU B 108 -2.40 -11.32 -5.04
C LEU B 108 -0.98 -10.85 -4.75
N LYS B 109 -0.13 -11.77 -4.29
CA LYS B 109 1.29 -11.53 -4.06
C LYS B 109 2.07 -12.35 -5.07
N VAL B 110 2.65 -11.67 -6.05
CA VAL B 110 3.48 -12.32 -7.05
C VAL B 110 4.93 -12.23 -6.62
N ILE B 111 5.62 -13.36 -6.60
CA ILE B 111 6.99 -13.39 -6.12
C ILE B 111 7.90 -13.70 -7.30
N ALA B 112 9.18 -13.36 -7.14
CA ALA B 112 10.12 -13.40 -8.24
C ALA B 112 10.70 -14.79 -8.43
N HIS B 113 11.01 -15.09 -9.68
CA HIS B 113 11.82 -16.24 -10.01
C HIS B 113 13.26 -15.77 -10.10
N ILE B 114 14.10 -16.22 -9.18
CA ILE B 114 15.48 -15.78 -9.09
C ILE B 114 16.33 -16.84 -9.81
N GLN B 115 16.75 -16.51 -11.03
CA GLN B 115 17.51 -17.46 -11.85
C GLN B 115 18.86 -17.78 -11.20
N ASN B 116 19.57 -16.77 -10.72
CA ASN B 116 20.93 -16.94 -10.21
C ASN B 116 21.06 -16.34 -8.82
N PRO B 117 20.57 -17.04 -7.80
CA PRO B 117 20.64 -16.51 -6.44
C PRO B 117 22.09 -16.30 -6.01
N ASP B 118 22.29 -15.27 -5.19
CA ASP B 118 23.62 -14.93 -4.68
C ASP B 118 23.46 -14.42 -3.26
N PRO B 119 22.88 -15.23 -2.37
CA PRO B 119 22.49 -14.73 -1.05
C PRO B 119 23.67 -14.13 -0.31
N ALA B 120 23.42 -13.01 0.36
CA ALA B 120 24.48 -12.30 1.06
C ALA B 120 23.86 -11.45 2.17
N VAL B 121 24.63 -11.24 3.24
CA VAL B 121 24.25 -10.29 4.28
C VAL B 121 25.33 -9.22 4.33
N TYR B 122 24.94 -7.97 4.12
CA TYR B 122 25.84 -6.83 4.12
C TYR B 122 25.51 -5.90 5.27
N GLN B 123 26.52 -5.17 5.73
CA GLN B 123 26.32 -4.15 6.76
C GLN B 123 26.57 -2.78 6.14
N LEU B 124 25.63 -1.86 6.32
CA LEU B 124 25.65 -0.55 5.67
C LEU B 124 25.70 0.53 6.74
N ARG B 125 26.56 1.52 6.57
CA ARG B 125 26.70 2.58 7.55
C ARG B 125 25.85 3.79 7.20
N ASP B 126 25.33 4.45 8.24
CA ASP B 126 24.56 5.68 8.09
C ASP B 126 25.41 6.74 7.39
N SER B 127 24.82 7.40 6.39
CA SER B 127 25.59 8.42 5.68
C SER B 127 25.93 9.60 6.57
N LYS B 128 25.19 9.82 7.65
CA LYS B 128 25.43 10.91 8.58
C LYS B 128 26.25 10.50 9.81
N SER B 129 26.06 9.31 10.36
CA SER B 129 26.75 8.91 11.58
C SER B 129 27.32 7.51 11.39
N SER B 130 28.64 7.40 11.43
CA SER B 130 29.31 6.10 11.35
C SER B 130 28.99 5.22 12.54
N ASP B 131 28.13 5.72 13.45
CA ASP B 131 27.71 4.93 14.60
C ASP B 131 26.62 3.93 14.23
N LYS B 132 25.57 4.40 13.53
CA LYS B 132 24.43 3.57 13.20
C LYS B 132 24.67 2.78 11.92
N SER B 133 24.09 1.59 11.87
CA SER B 133 24.16 0.76 10.66
C SER B 133 22.86 0.00 10.51
N VAL B 134 22.70 -0.62 9.34
CA VAL B 134 21.63 -1.57 9.10
C VAL B 134 22.26 -2.80 8.46
N CYS B 135 21.55 -3.92 8.56
CA CYS B 135 21.93 -5.18 7.93
C CYS B 135 21.01 -5.43 6.76
N LEU B 136 21.58 -5.79 5.63
CA LEU B 136 20.83 -6.05 4.41
C LEU B 136 21.03 -7.49 4.00
N PHE B 137 19.98 -8.30 4.06
CA PHE B 137 19.99 -9.66 3.56
C PHE B 137 19.39 -9.62 2.15
N THR B 138 20.15 -10.01 1.14
CA THR B 138 19.70 -9.78 -0.23
C THR B 138 20.09 -10.91 -1.16
N ASP B 139 19.42 -10.94 -2.31
CA ASP B 139 19.74 -11.77 -3.46
C ASP B 139 19.48 -13.25 -3.20
N PHE B 140 18.61 -13.55 -2.24
CA PHE B 140 18.25 -14.92 -1.93
C PHE B 140 17.05 -15.35 -2.77
N ASP B 141 16.90 -16.66 -2.96
CA ASP B 141 15.79 -17.09 -3.80
C ASP B 141 14.47 -17.00 -3.03
N SER B 142 13.37 -16.98 -3.79
CA SER B 142 12.08 -16.67 -3.19
C SER B 142 11.58 -17.76 -2.26
N GLN B 143 12.24 -18.93 -2.24
CA GLN B 143 11.88 -19.95 -1.25
C GLN B 143 12.35 -19.57 0.15
N THR B 144 13.48 -18.86 0.25
CA THR B 144 13.94 -18.39 1.55
C THR B 144 12.88 -17.50 2.18
N ASN B 145 12.58 -17.76 3.45
CA ASN B 145 11.59 -17.02 4.20
C ASN B 145 12.28 -16.24 5.31
N VAL B 146 11.83 -15.00 5.52
CA VAL B 146 12.38 -14.11 6.53
C VAL B 146 11.31 -13.92 7.61
N SER B 147 11.57 -14.45 8.79
CA SER B 147 10.61 -14.37 9.88
C SER B 147 10.93 -13.18 10.78
N GLN B 148 9.89 -12.67 11.44
CA GLN B 148 10.09 -11.59 12.40
C GLN B 148 11.09 -12.01 13.46
N SER B 149 11.69 -11.03 14.12
CA SER B 149 12.63 -11.32 15.19
C SER B 149 11.89 -11.72 16.46
N LYS B 150 12.57 -12.49 17.30
CA LYS B 150 12.08 -12.77 18.65
C LYS B 150 12.46 -11.68 19.62
N ASP B 151 13.63 -11.05 19.43
CA ASP B 151 14.13 -10.04 20.34
C ASP B 151 13.34 -8.73 20.20
N SER B 152 13.10 -8.08 21.34
CA SER B 152 12.22 -6.90 21.35
C SER B 152 12.87 -5.71 20.67
N ASP B 153 14.16 -5.47 20.92
CA ASP B 153 14.86 -4.32 20.36
C ASP B 153 15.63 -4.67 19.09
N VAL B 154 15.26 -5.75 18.41
CA VAL B 154 15.79 -6.08 17.10
C VAL B 154 14.62 -6.02 16.11
N TYR B 155 14.81 -5.28 15.03
CA TYR B 155 13.77 -5.10 14.04
C TYR B 155 14.20 -5.78 12.75
N ILE B 156 13.31 -6.56 12.15
CA ILE B 156 13.56 -7.28 10.90
C ILE B 156 12.35 -7.11 10.01
N THR B 157 12.56 -6.61 8.79
CA THR B 157 11.46 -6.39 7.88
C THR B 157 11.13 -7.66 7.10
N ASP B 158 9.92 -7.68 6.58
CA ASP B 158 9.53 -8.69 5.62
C ASP B 158 10.36 -8.55 4.35
N LYS B 159 10.39 -9.63 3.58
CA LYS B 159 11.02 -9.62 2.26
C LYS B 159 10.35 -8.60 1.34
N CYS B 160 11.18 -7.87 0.59
CA CYS B 160 10.72 -6.93 -0.42
C CYS B 160 11.25 -7.41 -1.79
N VAL B 161 10.36 -7.45 -2.78
CA VAL B 161 10.68 -7.98 -4.10
C VAL B 161 10.92 -6.80 -5.03
N LEU B 162 12.16 -6.62 -5.47
CA LEU B 162 12.51 -5.54 -6.39
C LEU B 162 12.29 -6.03 -7.82
N ASP B 163 11.20 -5.57 -8.44
CA ASP B 163 10.90 -5.87 -9.85
C ASP B 163 11.80 -5.05 -10.77
N MET B 164 12.39 -5.71 -11.76
CA MET B 164 13.34 -5.06 -12.64
C MET B 164 13.27 -5.72 -14.01
N ARG B 165 13.29 -4.89 -15.07
CA ARG B 165 13.38 -5.44 -16.41
C ARG B 165 14.73 -6.11 -16.64
N SER B 166 15.80 -5.53 -16.12
CA SER B 166 17.10 -6.19 -16.12
C SER B 166 17.06 -7.40 -15.19
N MET B 167 17.37 -8.59 -15.73
CA MET B 167 17.36 -9.78 -14.90
C MET B 167 18.34 -9.67 -13.74
N ASP B 168 19.51 -9.06 -13.98
CA ASP B 168 20.53 -8.97 -12.94
C ASP B 168 20.00 -8.27 -11.69
N PHE B 169 19.11 -7.29 -11.84
CA PHE B 169 18.68 -6.48 -10.70
C PHE B 169 17.45 -7.02 -9.98
N LYS B 170 16.65 -7.90 -10.59
CA LYS B 170 15.52 -8.50 -9.90
C LYS B 170 15.98 -9.29 -8.67
N SER B 171 15.53 -8.87 -7.49
CA SER B 171 16.13 -9.42 -6.28
C SER B 171 15.23 -9.23 -5.07
N ASN B 172 15.34 -10.15 -4.12
CA ASN B 172 14.66 -10.11 -2.84
C ASN B 172 15.58 -9.52 -1.79
N SER B 173 15.03 -8.82 -0.80
CA SER B 173 15.87 -8.36 0.30
C SER B 173 15.03 -8.16 1.55
N ALA B 174 15.71 -8.24 2.69
CA ALA B 174 15.13 -7.86 3.97
C ALA B 174 16.16 -7.03 4.72
N VAL B 175 15.67 -6.18 5.62
CA VAL B 175 16.56 -5.30 6.37
C VAL B 175 16.39 -5.59 7.86
N ALA B 176 17.49 -5.46 8.62
CA ALA B 176 17.43 -5.61 10.06
C ALA B 176 18.27 -4.53 10.73
N TRP B 177 17.87 -4.12 11.94
CA TRP B 177 18.65 -3.12 12.67
C TRP B 177 18.29 -3.20 14.15
N SER B 178 19.13 -2.56 14.97
CA SER B 178 18.92 -2.53 16.41
C SER B 178 19.66 -1.35 17.00
N ASN B 179 19.13 -0.82 18.11
CA ASN B 179 19.83 0.20 18.87
C ASN B 179 20.72 -0.38 19.95
N LYS B 180 20.65 -1.69 20.20
CA LYS B 180 21.52 -2.33 21.17
C LYS B 180 22.97 -2.27 20.72
N SER B 181 23.88 -2.05 21.66
CA SER B 181 25.31 -2.06 21.35
C SER B 181 25.85 -3.48 21.20
N ASP B 182 25.12 -4.47 21.68
CA ASP B 182 25.49 -5.87 21.51
C ASP B 182 25.21 -6.38 20.10
N PHE B 183 24.43 -5.65 19.31
CA PHE B 183 23.87 -6.18 18.07
C PHE B 183 24.92 -6.39 16.99
N ALA B 184 24.90 -7.57 16.37
CA ALA B 184 25.65 -7.85 15.16
C ALA B 184 24.68 -8.41 14.13
N CYS B 185 25.02 -8.28 12.84
CA CYS B 185 24.08 -8.70 11.80
C CYS B 185 23.73 -10.17 11.93
N ALA B 186 24.68 -11.01 12.35
CA ALA B 186 24.39 -12.42 12.53
C ALA B 186 23.38 -12.67 13.64
N ASN B 187 23.19 -11.73 14.57
CA ASN B 187 22.14 -11.89 15.58
C ASN B 187 20.75 -11.88 14.94
N ALA B 188 20.57 -11.13 13.86
CA ALA B 188 19.31 -11.10 13.14
C ALA B 188 19.26 -12.19 12.07
N PHE B 189 20.30 -12.31 11.24
CA PHE B 189 20.34 -13.28 10.16
C PHE B 189 21.31 -14.38 10.58
N ASN B 190 20.86 -15.27 11.46
CA ASN B 190 21.74 -16.30 11.99
C ASN B 190 21.84 -17.47 11.01
N ASN B 191 22.78 -18.38 11.30
CA ASN B 191 23.13 -19.41 10.33
C ASN B 191 22.00 -20.40 10.07
N SER B 192 21.00 -20.47 10.93
CA SER B 192 19.93 -21.42 10.69
C SER B 192 18.87 -20.89 9.74
N ILE B 193 18.85 -19.58 9.46
CA ILE B 193 17.77 -19.00 8.68
C ILE B 193 18.25 -18.39 7.36
N ILE B 194 19.54 -18.43 7.09
CA ILE B 194 20.10 -18.01 5.80
C ILE B 194 20.68 -19.24 5.12
N PRO B 195 20.77 -19.26 3.79
CA PRO B 195 21.36 -20.42 3.10
C PRO B 195 22.83 -20.62 3.47
N GLU B 196 23.27 -21.88 3.37
CA GLU B 196 24.65 -22.23 3.72
C GLU B 196 25.66 -21.44 2.89
N ASP B 197 25.33 -21.12 1.64
CA ASP B 197 26.27 -20.42 0.76
C ASP B 197 26.13 -18.91 0.84
N THR B 198 25.52 -18.40 1.90
CA THR B 198 25.40 -16.95 2.04
C THR B 198 26.76 -16.29 2.13
N PHE B 199 26.95 -15.26 1.31
CA PHE B 199 28.16 -14.44 1.33
C PHE B 199 28.04 -13.48 2.51
N PHE B 200 28.86 -13.69 3.56
CA PHE B 200 28.68 -13.00 4.83
C PHE B 200 30.01 -12.37 5.28
N PRO B 201 30.39 -11.26 4.66
CA PRO B 201 31.68 -10.63 5.00
C PRO B 201 31.70 -10.02 6.38
N SER B 202 32.88 -10.01 6.99
CA SER B 202 33.07 -9.32 8.25
C SER B 202 32.98 -7.81 8.03
N PRO B 203 32.38 -7.06 8.96
CA PRO B 203 32.23 -5.62 8.74
C PRO B 203 33.53 -4.85 8.95
#